data_2P35
#
_entry.id   2P35
#
_cell.length_a   103.097
_cell.length_b   103.097
_cell.length_c   107.457
_cell.angle_alpha   90.00
_cell.angle_beta   90.00
_cell.angle_gamma   120.00
#
_symmetry.space_group_name_H-M   'P 65'
#
loop_
_entity.id
_entity.type
_entity.pdbx_description
1 polymer 'Trans-aconitate 2-methyltransferase'
2 non-polymer S-ADENOSYL-L-HOMOCYSTEINE
3 water water
#
_entity_poly.entity_id   1
_entity_poly.type   'polypeptide(L)'
_entity_poly.pdbx_seq_one_letter_code
;QGH(MSE)AWSAQQYLKFEDERTRPARDLLAQVPLERVLNGYDLGCGPGNSTELLTDRYGVNVITGIDSDDD(MSE)LEK
AADRLPNTNFGKADLATWKPAQKADLLYANAVFQWVPDHLAVLSQL(MSE)DQLESGGVLAVQ(MSE)PDNLQEPTHIA
(MSE)HETADGGPWKDAFSGGGLRRKPLPPPSDYFNALSPKSSRVDVWHTVYNHP(MSE)KDADSIVEWVKGTGLRPYLA
AAGEENREAFLADYTRRIAAAYPP(MSE)ADGRLLLRFPRLFVVAVKK
;
_entity_poly.pdbx_strand_id   A,B
#
loop_
_chem_comp.id
_chem_comp.type
_chem_comp.name
_chem_comp.formula
SAH non-polymer S-ADENOSYL-L-HOMOCYSTEINE 'C14 H20 N6 O5 S'
#
# COMPACT_ATOMS: atom_id res chain seq x y z
N ALA A 8 20.33 13.24 -13.54
CA ALA A 8 19.20 12.97 -12.58
C ALA A 8 19.75 12.57 -11.21
N GLN A 9 21.04 12.25 -11.18
CA GLN A 9 21.65 11.77 -9.95
C GLN A 9 21.63 12.84 -8.85
N GLN A 10 21.85 14.10 -9.23
CA GLN A 10 21.83 15.21 -8.29
C GLN A 10 20.46 15.58 -7.72
N TYR A 11 19.38 15.10 -8.34
CA TYR A 11 18.04 15.43 -7.86
C TYR A 11 17.35 14.30 -7.08
N LEU A 12 18.05 13.19 -6.86
CA LEU A 12 17.50 12.09 -6.06
C LEU A 12 17.44 12.46 -4.58
N LYS A 13 16.29 12.18 -3.95
CA LYS A 13 16.08 12.44 -2.53
C LYS A 13 15.35 11.23 -1.93
N PHE A 14 16.06 10.44 -1.14
CA PHE A 14 15.45 9.28 -0.50
C PHE A 14 15.04 9.60 0.92
N GLU A 15 13.84 9.16 1.28
CA GLU A 15 13.33 9.26 2.64
C GLU A 15 13.73 8.01 3.42
N ASP A 16 13.77 8.14 4.75
CA ASP A 16 14.11 7.05 5.66
C ASP A 16 13.14 5.88 5.50
N GLU A 17 13.66 4.73 5.07
CA GLU A 17 12.81 3.57 4.85
CA GLU A 17 12.87 3.51 4.86
C GLU A 17 12.18 3.07 6.16
N ARG A 18 12.81 3.35 7.29
CA ARG A 18 12.27 2.89 8.57
C ARG A 18 10.97 3.59 8.92
N THR A 19 10.71 4.76 8.35
CA THR A 19 9.48 5.46 8.63
C THR A 19 8.50 5.41 7.46
N ARG A 20 8.74 4.49 6.50
CA ARG A 20 7.87 4.35 5.33
C ARG A 20 6.37 4.22 5.62
N PRO A 21 5.97 3.27 6.50
CA PRO A 21 4.54 3.15 6.80
C PRO A 21 3.97 4.35 7.54
N ALA A 22 4.72 4.91 8.50
CA ALA A 22 4.29 6.14 9.18
C ALA A 22 4.11 7.29 8.18
N ARG A 23 5.04 7.43 7.24
CA ARG A 23 4.95 8.46 6.20
C ARG A 23 3.75 8.23 5.26
N ASP A 24 3.55 6.97 4.88
CA ASP A 24 2.40 6.60 4.01
C ASP A 24 1.07 6.89 4.72
N LEU A 25 1.04 6.62 6.02
CA LEU A 25 -0.14 6.93 6.83
C LEU A 25 -0.38 8.45 6.88
N LEU A 26 0.66 9.22 7.20
CA LEU A 26 0.55 10.68 7.35
C LEU A 26 0.13 11.37 6.05
N ALA A 27 0.61 10.83 4.93
CA ALA A 27 0.29 11.40 3.64
C ALA A 27 -1.24 11.38 3.38
N GLN A 28 -1.96 10.49 4.08
CA GLN A 28 -3.42 10.38 3.91
C GLN A 28 -4.23 11.14 4.97
N VAL A 29 -3.53 11.90 5.84
CA VAL A 29 -4.20 12.78 6.80
C VAL A 29 -4.55 14.09 6.09
N PRO A 30 -5.86 14.37 5.93
CA PRO A 30 -6.29 15.53 5.15
C PRO A 30 -6.37 16.81 5.99
N LEU A 31 -5.33 17.09 6.75
CA LEU A 31 -5.32 18.31 7.53
C LEU A 31 -4.14 19.13 7.10
N GLU A 32 -4.40 20.39 6.72
CA GLU A 32 -3.33 21.33 6.40
CA GLU A 32 -3.34 21.32 6.40
C GLU A 32 -2.68 21.79 7.70
N ARG A 33 -3.49 22.00 8.73
CA ARG A 33 -3.03 22.51 10.02
CA ARG A 33 -3.02 22.50 10.02
C ARG A 33 -3.53 21.66 11.18
N VAL A 34 -2.76 21.64 12.27
CA VAL A 34 -3.11 20.91 13.49
C VAL A 34 -2.86 21.82 14.70
N LEU A 35 -3.83 21.88 15.62
CA LEU A 35 -3.67 22.70 16.83
C LEU A 35 -3.52 21.85 18.11
N ASN A 36 -4.04 20.63 18.06
CA ASN A 36 -3.94 19.72 19.19
C ASN A 36 -3.90 18.26 18.73
N GLY A 37 -2.73 17.83 18.27
CA GLY A 37 -2.53 16.48 17.74
C GLY A 37 -1.77 15.62 18.73
N TYR A 38 -1.95 14.31 18.61
CA TYR A 38 -1.32 13.34 19.49
C TYR A 38 -0.66 12.23 18.68
N ASP A 39 0.58 11.93 19.05
CA ASP A 39 1.24 10.75 18.52
C ASP A 39 1.16 9.63 19.57
N LEU A 40 0.29 8.67 19.30
CA LEU A 40 -0.05 7.63 20.29
C LEU A 40 0.92 6.47 20.14
N GLY A 41 1.40 5.94 21.26
CA GLY A 41 2.53 5.00 21.22
C GLY A 41 3.73 5.62 20.51
N CYS A 42 4.14 6.81 20.94
CA CYS A 42 5.20 7.60 20.27
C CYS A 42 6.59 6.93 20.24
N GLY A 43 6.85 6.03 21.18
CA GLY A 43 8.16 5.42 21.29
C GLY A 43 9.23 6.48 21.50
N PRO A 44 10.41 6.31 20.86
CA PRO A 44 11.53 7.26 21.01
C PRO A 44 11.38 8.51 20.14
N GLY A 45 10.20 8.72 19.55
CA GLY A 45 9.86 9.98 18.89
C GLY A 45 10.13 10.09 17.39
N ASN A 46 10.40 8.96 16.75
CA ASN A 46 10.51 8.88 15.30
C ASN A 46 9.21 9.27 14.60
N SER A 47 8.10 8.65 15.02
CA SER A 47 6.79 9.02 14.49
C SER A 47 6.44 10.46 14.87
N THR A 48 6.82 10.87 16.09
CA THR A 48 6.42 12.16 16.60
C THR A 48 7.07 13.26 15.77
N GLU A 49 8.33 13.05 15.40
CA GLU A 49 9.09 14.01 14.62
C GLU A 49 8.51 14.21 13.21
N LEU A 50 7.94 13.14 12.64
CA LEU A 50 7.20 13.28 11.39
C LEU A 50 6.05 14.26 11.57
N LEU A 51 5.35 14.16 12.70
CA LEU A 51 4.21 15.03 12.97
C LEU A 51 4.64 16.47 13.22
N THR A 52 5.66 16.66 14.05
CA THR A 52 6.14 18.00 14.37
C THR A 52 6.80 18.65 13.14
N ASP A 53 7.48 17.85 12.31
CA ASP A 53 8.00 18.33 11.02
C ASP A 53 6.88 18.93 10.17
N ARG A 54 5.74 18.28 10.17
CA ARG A 54 4.60 18.69 9.33
C ARG A 54 3.79 19.84 9.94
N TYR A 55 3.58 19.79 11.24
CA TYR A 55 2.59 20.67 11.88
C TYR A 55 3.10 21.64 12.93
N GLY A 56 4.31 21.41 13.43
CA GLY A 56 4.92 22.30 14.43
C GLY A 56 5.21 21.53 15.71
N VAL A 57 6.31 21.90 16.36
CA VAL A 57 6.76 21.22 17.59
C VAL A 57 5.83 21.44 18.78
N ASN A 58 5.06 22.53 18.69
CA ASN A 58 4.21 23.03 19.77
CA ASN A 58 4.23 22.94 19.83
C ASN A 58 2.78 22.45 19.80
N VAL A 59 2.35 21.84 18.69
CA VAL A 59 0.95 21.38 18.54
C VAL A 59 0.75 19.85 18.60
N ILE A 60 1.81 19.13 18.97
CA ILE A 60 1.81 17.66 19.03
C ILE A 60 2.18 17.23 20.45
N THR A 61 1.51 16.19 20.95
CA THR A 61 1.85 15.58 22.23
C THR A 61 2.07 14.08 21.97
N GLY A 62 3.23 13.56 22.35
CA GLY A 62 3.45 12.12 22.31
C GLY A 62 2.96 11.42 23.58
N ILE A 63 2.28 10.29 23.38
CA ILE A 63 1.75 9.48 24.48
C ILE A 63 2.35 8.06 24.40
N ASP A 64 2.89 7.57 25.51
CA ASP A 64 3.42 6.21 25.59
C ASP A 64 3.32 5.71 27.05
N SER A 65 3.19 4.39 27.23
CA SER A 65 3.16 3.78 28.57
C SER A 65 4.57 3.50 29.10
N ASP A 66 5.59 3.75 28.28
CA ASP A 66 6.96 3.41 28.64
C ASP A 66 7.79 4.66 28.91
N ASP A 67 8.23 4.80 30.17
CA ASP A 67 8.99 5.96 30.63
C ASP A 67 10.33 6.14 29.91
N ASP A 68 11.01 5.04 29.62
CA ASP A 68 12.30 5.05 28.95
CA ASP A 68 12.30 5.10 28.96
C ASP A 68 12.15 5.59 27.53
N MSE A 69 11.02 5.27 26.90
CA MSE A 69 10.70 5.77 25.56
C MSE A 69 10.47 7.28 25.56
O MSE A 69 11.00 8.01 24.71
CB MSE A 69 9.49 5.05 24.95
CG MSE A 69 9.75 3.61 24.52
SE MSE A 69 11.40 3.33 23.46
CE MSE A 69 11.00 1.52 22.79
N LEU A 70 9.67 7.74 26.52
CA LEU A 70 9.31 9.15 26.62
C LEU A 70 10.53 10.03 26.85
N GLU A 71 11.47 9.55 27.68
CA GLU A 71 12.73 10.26 27.93
CA GLU A 71 12.73 10.26 27.93
C GLU A 71 13.52 10.46 26.64
N LYS A 72 13.60 9.41 25.82
CA LYS A 72 14.29 9.48 24.52
C LYS A 72 13.61 10.49 23.59
N ALA A 73 12.28 10.38 23.48
CA ALA A 73 11.50 11.30 22.67
C ALA A 73 11.63 12.76 23.13
N ALA A 74 11.56 12.98 24.45
CA ALA A 74 11.71 14.31 25.04
C ALA A 74 13.09 14.93 24.79
N ASP A 75 14.15 14.13 24.90
CA ASP A 75 15.50 14.57 24.53
C ASP A 75 15.55 15.01 23.07
N ARG A 76 14.98 14.21 22.17
CA ARG A 76 15.02 14.53 20.74
C ARG A 76 14.05 15.63 20.31
N LEU A 77 12.99 15.85 21.07
CA LEU A 77 12.02 16.89 20.77
C LEU A 77 11.74 17.70 22.04
N PRO A 78 12.69 18.58 22.43
CA PRO A 78 12.70 19.23 23.75
C PRO A 78 11.66 20.34 23.91
N ASN A 79 11.00 20.71 22.82
CA ASN A 79 9.96 21.75 22.85
C ASN A 79 8.57 21.18 22.61
N THR A 80 8.47 19.85 22.70
CA THR A 80 7.27 19.09 22.42
C THR A 80 6.75 18.40 23.70
N ASN A 81 5.44 18.38 23.89
CA ASN A 81 4.80 17.77 25.05
C ASN A 81 4.82 16.24 24.97
N PHE A 82 5.01 15.59 26.11
CA PHE A 82 4.97 14.12 26.21
C PHE A 82 4.26 13.68 27.49
N GLY A 83 3.32 12.74 27.37
CA GLY A 83 2.62 12.22 28.55
C GLY A 83 2.64 10.69 28.64
N LYS A 84 2.66 10.20 29.88
CA LYS A 84 2.57 8.77 30.17
C LYS A 84 1.12 8.31 30.34
N ALA A 85 0.70 7.31 29.58
CA ALA A 85 -0.65 6.74 29.70
C ALA A 85 -0.74 5.37 29.06
N ASP A 86 -1.75 4.61 29.46
CA ASP A 86 -2.07 3.37 28.78
C ASP A 86 -3.22 3.68 27.86
N LEU A 87 -3.04 3.40 26.57
CA LEU A 87 -4.05 3.63 25.56
C LEU A 87 -5.33 2.82 25.73
N ALA A 88 -5.30 1.76 26.56
CA ALA A 88 -6.51 1.01 26.86
C ALA A 88 -7.63 1.92 27.41
N THR A 89 -7.24 2.95 28.15
CA THR A 89 -8.20 3.85 28.82
C THR A 89 -8.04 5.36 28.47
N TRP A 90 -6.86 5.75 28.00
CA TRP A 90 -6.50 7.17 27.79
C TRP A 90 -7.52 7.98 26.98
N LYS A 91 -7.76 9.22 27.40
CA LYS A 91 -8.42 10.21 26.56
C LYS A 91 -7.66 11.53 26.70
N PRO A 92 -7.60 12.34 25.62
CA PRO A 92 -6.92 13.64 25.75
C PRO A 92 -7.68 14.53 26.73
N ALA A 93 -6.96 15.43 27.41
CA ALA A 93 -7.57 16.35 28.37
C ALA A 93 -8.37 17.48 27.67
N GLN A 94 -8.12 17.67 26.37
CA GLN A 94 -8.95 18.51 25.51
C GLN A 94 -9.15 17.84 24.15
N LYS A 95 -10.28 18.12 23.49
CA LYS A 95 -10.58 17.55 22.16
C LYS A 95 -9.38 17.68 21.21
N ALA A 96 -9.13 16.62 20.44
CA ALA A 96 -8.00 16.56 19.52
C ALA A 96 -8.47 16.82 18.11
N ASP A 97 -7.62 17.46 17.31
CA ASP A 97 -7.90 17.52 15.87
C ASP A 97 -7.13 16.45 15.06
N LEU A 98 -6.21 15.77 15.72
CA LEU A 98 -5.49 14.61 15.16
C LEU A 98 -5.10 13.61 16.22
N LEU A 99 -5.48 12.37 15.98
CA LEU A 99 -5.06 11.22 16.79
C LEU A 99 -4.36 10.27 15.85
N TYR A 100 -3.04 10.29 15.94
CA TYR A 100 -2.19 9.55 15.02
C TYR A 100 -1.47 8.41 15.78
N ALA A 101 -1.58 7.21 15.24
CA ALA A 101 -1.02 6.05 15.94
C ALA A 101 -0.37 5.08 14.98
N ASN A 102 0.96 5.16 14.88
CA ASN A 102 1.65 4.25 13.98
C ASN A 102 2.26 3.09 14.75
N ALA A 103 1.81 1.89 14.43
CA ALA A 103 2.33 0.63 14.98
C ALA A 103 2.29 0.51 16.52
N VAL A 104 1.17 0.94 17.12
CA VAL A 104 0.90 0.72 18.54
C VAL A 104 -0.32 -0.18 18.81
N PHE A 105 -1.40 0.02 18.06
CA PHE A 105 -2.67 -0.58 18.43
C PHE A 105 -2.78 -2.11 18.36
N GLN A 106 -1.86 -2.75 17.66
CA GLN A 106 -1.74 -4.21 17.74
C GLN A 106 -1.45 -4.74 19.19
N TRP A 107 -0.95 -3.85 20.05
CA TRP A 107 -0.58 -4.25 21.41
CA TRP A 107 -0.57 -4.24 21.41
C TRP A 107 -1.66 -3.95 22.43
N VAL A 108 -2.73 -3.29 21.97
CA VAL A 108 -3.83 -2.89 22.85
C VAL A 108 -5.00 -3.86 22.68
N PRO A 109 -5.37 -4.55 23.78
CA PRO A 109 -6.52 -5.46 23.81
C PRO A 109 -7.78 -4.78 23.27
N ASP A 110 -8.55 -5.53 22.48
CA ASP A 110 -9.79 -5.02 21.90
CA ASP A 110 -9.78 -5.02 21.82
C ASP A 110 -9.57 -3.60 21.33
N HIS A 111 -8.58 -3.45 20.44
CA HIS A 111 -8.22 -2.12 19.91
C HIS A 111 -9.36 -1.45 19.15
N LEU A 112 -10.20 -2.23 18.47
CA LEU A 112 -11.28 -1.63 17.68
C LEU A 112 -12.30 -0.88 18.54
N ALA A 113 -12.67 -1.47 19.68
CA ALA A 113 -13.49 -0.77 20.67
C ALA A 113 -12.80 0.53 21.16
N VAL A 114 -11.48 0.46 21.38
CA VAL A 114 -10.70 1.61 21.81
C VAL A 114 -10.75 2.74 20.75
N LEU A 115 -10.50 2.39 19.49
CA LEU A 115 -10.61 3.34 18.37
C LEU A 115 -11.95 4.04 18.27
N SER A 116 -13.04 3.28 18.34
CA SER A 116 -14.37 3.90 18.23
C SER A 116 -14.63 4.90 19.36
N GLN A 117 -14.20 4.57 20.57
CA GLN A 117 -14.30 5.47 21.73
CA GLN A 117 -14.37 5.51 21.68
C GLN A 117 -13.42 6.71 21.56
N LEU A 118 -12.24 6.50 20.99
CA LEU A 118 -11.33 7.62 20.74
C LEU A 118 -11.92 8.62 19.73
N MSE A 119 -12.75 8.17 18.78
CA MSE A 119 -13.44 9.11 17.86
C MSE A 119 -14.22 10.18 18.63
O MSE A 119 -14.38 11.28 18.12
CB MSE A 119 -14.48 8.41 16.98
CG MSE A 119 -14.02 7.25 16.16
SE MSE A 119 -13.24 7.78 14.48
CE MSE A 119 -14.08 9.47 13.97
N ASP A 120 -14.73 9.81 19.81
CA ASP A 120 -15.52 10.76 20.62
C ASP A 120 -14.66 11.92 21.13
N GLN A 121 -13.34 11.73 21.11
CA GLN A 121 -12.39 12.73 21.62
C GLN A 121 -11.81 13.62 20.53
N LEU A 122 -12.31 13.41 19.30
CA LEU A 122 -11.97 14.26 18.18
C LEU A 122 -13.01 15.36 18.02
N GLU A 123 -12.56 16.57 17.69
CA GLU A 123 -13.48 17.63 17.25
C GLU A 123 -13.96 17.32 15.83
N SER A 124 -15.08 17.93 15.44
CA SER A 124 -15.59 17.78 14.07
C SER A 124 -14.49 18.09 13.07
N GLY A 125 -14.34 17.22 12.07
CA GLY A 125 -13.31 17.36 11.04
C GLY A 125 -11.94 16.88 11.46
N GLY A 126 -11.79 16.53 12.74
CA GLY A 126 -10.57 15.88 13.24
C GLY A 126 -10.32 14.50 12.65
N VAL A 127 -9.08 14.04 12.78
CA VAL A 127 -8.66 12.84 12.08
C VAL A 127 -8.10 11.79 13.03
N LEU A 128 -8.61 10.56 12.90
CA LEU A 128 -7.98 9.39 13.49
C LEU A 128 -7.21 8.64 12.39
N ALA A 129 -5.90 8.44 12.59
CA ALA A 129 -5.06 7.73 11.61
C ALA A 129 -4.24 6.64 12.31
N VAL A 130 -4.42 5.40 11.85
CA VAL A 130 -3.86 4.23 12.53
C VAL A 130 -3.19 3.30 11.51
N GLN A 131 -2.01 2.80 11.85
CA GLN A 131 -1.39 1.71 11.10
C GLN A 131 -0.99 0.56 12.05
N MSE A 132 -1.33 -0.66 11.65
CA MSE A 132 -0.91 -1.85 12.40
C MSE A 132 -0.31 -2.95 11.53
O MSE A 132 -0.83 -3.24 10.44
CB MSE A 132 -2.08 -2.40 13.17
CG MSE A 132 -2.47 -1.53 14.34
SE MSE A 132 -4.17 -2.16 14.95
CE MSE A 132 -5.24 -1.72 13.34
N PRO A 133 0.77 -3.59 12.03
CA PRO A 133 1.35 -4.75 11.41
C PRO A 133 0.31 -5.88 11.39
N ASP A 134 0.40 -6.69 10.34
CA ASP A 134 -0.52 -7.78 10.10
C ASP A 134 0.29 -9.00 9.67
N ASN A 135 1.27 -9.42 10.47
N ASN A 135 1.23 -9.37 10.56
CA ASN A 135 2.20 -10.43 9.97
CA ASN A 135 2.33 -10.32 10.31
C ASN A 135 2.08 -11.80 10.64
C ASN A 135 2.04 -11.78 10.57
N LEU A 136 0.98 -12.04 11.34
CA LEU A 136 0.79 -13.32 12.02
C LEU A 136 0.75 -14.56 11.11
N GLN A 137 0.39 -14.39 9.84
CA GLN A 137 0.34 -15.53 8.93
C GLN A 137 1.55 -15.60 7.98
N GLU A 138 2.49 -14.69 8.15
CA GLU A 138 3.74 -14.72 7.39
C GLU A 138 4.61 -15.91 7.85
N PRO A 139 5.42 -16.45 6.92
CA PRO A 139 6.31 -17.58 7.24
C PRO A 139 7.14 -17.36 8.49
N THR A 140 7.63 -16.14 8.71
CA THR A 140 8.33 -15.80 9.96
C THR A 140 7.58 -16.22 11.22
N HIS A 141 6.27 -15.99 11.23
CA HIS A 141 5.48 -16.22 12.43
C HIS A 141 4.96 -17.64 12.50
N ILE A 142 4.62 -18.20 11.36
CA ILE A 142 4.30 -19.62 11.26
C ILE A 142 5.47 -20.49 11.75
N ALA A 143 6.70 -20.13 11.35
CA ALA A 143 7.90 -20.90 11.76
C ALA A 143 8.14 -20.86 13.26
N MSE A 144 7.69 -19.78 13.91
CA MSE A 144 7.77 -19.68 15.37
C MSE A 144 6.95 -20.78 16.04
O MSE A 144 7.42 -21.42 17.00
CB MSE A 144 7.32 -18.31 15.86
CG MSE A 144 8.20 -17.18 15.41
SE MSE A 144 7.50 -15.50 16.13
CE MSE A 144 8.37 -14.24 14.90
N HIS A 145 5.74 -21.00 15.54
CA HIS A 145 4.82 -22.01 16.06
CA HIS A 145 4.84 -22.00 16.09
C HIS A 145 5.36 -23.41 15.77
N GLU A 146 5.87 -23.62 14.56
CA GLU A 146 6.43 -24.91 14.17
C GLU A 146 7.64 -25.27 15.01
N THR A 147 8.52 -24.29 15.28
CA THR A 147 9.67 -24.53 16.15
C THR A 147 9.22 -24.86 17.57
N ALA A 148 8.26 -24.10 18.10
CA ALA A 148 7.77 -24.29 19.45
C ALA A 148 7.08 -25.66 19.62
N ASP A 149 6.25 -26.04 18.63
CA ASP A 149 5.48 -27.28 18.72
C ASP A 149 6.29 -28.52 18.39
N GLY A 150 7.43 -28.32 17.72
CA GLY A 150 8.23 -29.43 17.20
C GLY A 150 9.41 -29.87 18.04
N GLY A 151 9.82 -29.06 19.02
CA GLY A 151 11.00 -29.35 19.83
C GLY A 151 10.69 -30.00 21.16
N PRO A 152 11.74 -30.39 21.92
CA PRO A 152 11.58 -31.00 23.24
C PRO A 152 10.89 -30.05 24.24
N TRP A 153 10.87 -28.77 23.89
CA TRP A 153 10.19 -27.71 24.65
C TRP A 153 8.70 -27.62 24.29
N LYS A 154 8.22 -28.49 23.41
CA LYS A 154 6.83 -28.45 22.89
C LYS A 154 5.76 -28.24 23.96
N ASP A 155 5.99 -28.83 25.14
CA ASP A 155 5.06 -28.78 26.26
C ASP A 155 4.83 -27.37 26.81
N ALA A 156 5.82 -26.50 26.62
CA ALA A 156 5.77 -25.12 27.13
C ALA A 156 4.78 -24.22 26.38
N PHE A 157 4.19 -24.74 25.31
CA PHE A 157 3.36 -23.93 24.40
C PHE A 157 1.93 -24.45 24.24
N LYS A 165 -3.97 -12.42 18.26
CA LYS A 165 -5.24 -12.30 17.53
C LYS A 165 -5.00 -11.62 16.17
N PRO A 166 -5.61 -12.19 15.09
CA PRO A 166 -5.59 -11.60 13.76
C PRO A 166 -6.38 -10.26 13.74
N LEU A 167 -6.00 -9.35 12.83
CA LEU A 167 -6.73 -8.09 12.66
C LEU A 167 -8.09 -8.36 12.02
N PRO A 168 -9.14 -7.62 12.43
CA PRO A 168 -10.45 -7.75 11.79
C PRO A 168 -10.39 -7.29 10.31
N PRO A 169 -11.34 -7.74 9.48
CA PRO A 169 -11.36 -7.31 8.06
C PRO A 169 -11.69 -5.82 7.96
N PRO A 170 -11.33 -5.15 6.84
CA PRO A 170 -11.66 -3.74 6.61
C PRO A 170 -13.13 -3.41 6.93
N SER A 171 -14.06 -4.27 6.52
CA SER A 171 -15.50 -4.04 6.76
C SER A 171 -15.84 -3.83 8.24
N ASP A 172 -15.14 -4.52 9.14
CA ASP A 172 -15.36 -4.27 10.58
C ASP A 172 -14.90 -2.89 11.03
N TYR A 173 -13.84 -2.38 10.40
CA TYR A 173 -13.39 -1.01 10.72
C TYR A 173 -14.42 0.01 10.24
N PHE A 174 -14.96 -0.20 9.04
CA PHE A 174 -16.06 0.66 8.58
C PHE A 174 -17.28 0.61 9.52
N ASN A 175 -17.69 -0.58 9.94
CA ASN A 175 -18.86 -0.75 10.82
C ASN A 175 -18.67 -0.01 12.15
N ALA A 176 -17.45 -0.05 12.69
CA ALA A 176 -17.12 0.60 13.98
C ALA A 176 -16.99 2.10 13.88
N LEU A 177 -16.42 2.60 12.79
CA LEU A 177 -16.02 3.99 12.72
C LEU A 177 -16.88 4.88 11.83
N SER A 178 -17.43 4.34 10.73
CA SER A 178 -18.30 5.12 9.83
C SER A 178 -19.44 5.91 10.53
N PRO A 179 -20.11 5.31 11.55
CA PRO A 179 -21.15 6.11 12.21
C PRO A 179 -20.68 7.43 12.84
N LYS A 180 -19.41 7.51 13.22
CA LYS A 180 -18.89 8.71 13.87
C LYS A 180 -18.12 9.59 12.88
N SER A 181 -18.11 9.18 11.61
CA SER A 181 -17.23 9.78 10.59
C SER A 181 -17.97 10.33 9.38
N SER A 182 -17.43 11.41 8.79
CA SER A 182 -17.91 11.85 7.47
C SER A 182 -17.34 10.98 6.34
N ARG A 183 -16.16 10.42 6.59
CA ARG A 183 -15.56 9.42 5.69
C ARG A 183 -14.51 8.58 6.40
N VAL A 184 -14.38 7.33 5.94
CA VAL A 184 -13.36 6.39 6.42
C VAL A 184 -12.61 5.82 5.20
N ASP A 185 -11.31 5.65 5.34
CA ASP A 185 -10.50 5.00 4.33
C ASP A 185 -9.71 3.85 4.97
N VAL A 186 -9.80 2.66 4.40
CA VAL A 186 -9.04 1.51 4.92
C VAL A 186 -8.28 0.94 3.73
N TRP A 187 -6.98 0.65 3.92
CA TRP A 187 -6.23 -0.05 2.88
C TRP A 187 -5.19 -0.95 3.56
N HIS A 188 -4.67 -1.88 2.79
CA HIS A 188 -3.78 -2.91 3.30
C HIS A 188 -2.63 -2.99 2.32
N THR A 189 -1.41 -2.88 2.84
CA THR A 189 -0.22 -2.87 1.98
C THR A 189 0.77 -3.94 2.42
N VAL A 190 1.24 -4.73 1.46
CA VAL A 190 2.37 -5.63 1.72
C VAL A 190 3.65 -4.99 1.15
N TYR A 191 4.51 -4.56 2.07
CA TYR A 191 5.84 -4.03 1.74
C TYR A 191 6.82 -5.21 1.57
N ASN A 192 7.84 -5.03 0.73
CA ASN A 192 8.88 -6.05 0.54
C ASN A 192 10.21 -5.48 0.93
N HIS A 193 10.88 -6.22 1.80
CA HIS A 193 12.24 -5.87 2.26
C HIS A 193 13.25 -6.93 1.82
N PRO A 194 14.11 -6.57 0.84
CA PRO A 194 15.23 -7.44 0.52
C PRO A 194 16.12 -7.56 1.76
N MSE A 195 16.53 -8.79 2.06
CA MSE A 195 17.32 -9.11 3.26
C MSE A 195 18.58 -9.83 2.86
O MSE A 195 18.54 -10.72 2.00
CB MSE A 195 16.53 -10.01 4.22
CG MSE A 195 15.19 -9.45 4.70
SE MSE A 195 15.38 -7.83 5.78
CE MSE A 195 16.06 -8.57 7.45
N LYS A 196 19.69 -9.50 3.52
CA LYS A 196 21.00 -10.11 3.27
C LYS A 196 20.96 -11.63 3.29
N ASP A 197 20.35 -12.19 4.33
CA ASP A 197 20.35 -13.62 4.58
C ASP A 197 19.36 -14.03 5.65
N ALA A 198 19.25 -15.34 5.88
CA ALA A 198 18.35 -15.91 6.88
C ALA A 198 18.58 -15.34 8.29
N ASP A 199 19.86 -15.13 8.65
CA ASP A 199 20.22 -14.59 9.97
CA ASP A 199 20.25 -14.58 9.95
C ASP A 199 19.65 -13.19 10.18
N SER A 200 19.67 -12.36 9.14
CA SER A 200 19.18 -11.01 9.24
C SER A 200 17.65 -11.01 9.47
N ILE A 201 16.93 -11.95 8.86
CA ILE A 201 15.50 -12.14 9.16
C ILE A 201 15.33 -12.57 10.63
N VAL A 202 16.08 -13.57 11.08
CA VAL A 202 16.03 -14.00 12.50
C VAL A 202 16.32 -12.81 13.44
N GLU A 203 17.36 -12.04 13.14
CA GLU A 203 17.69 -10.86 13.93
C GLU A 203 16.53 -9.89 14.01
N TRP A 204 15.88 -9.65 12.88
CA TRP A 204 14.73 -8.73 12.81
C TRP A 204 13.60 -9.15 13.74
N VAL A 205 13.17 -10.41 13.65
CA VAL A 205 12.00 -10.87 14.39
C VAL A 205 12.24 -11.06 15.89
N LYS A 206 13.49 -11.05 16.30
CA LYS A 206 13.79 -10.92 17.75
C LYS A 206 13.17 -9.63 18.32
N GLY A 207 12.96 -8.62 17.48
CA GLY A 207 12.28 -7.39 17.91
C GLY A 207 10.84 -7.32 17.43
N THR A 208 10.34 -8.42 16.87
CA THR A 208 9.07 -8.45 16.14
C THR A 208 8.13 -9.60 16.55
N GLY A 209 8.45 -10.29 17.64
CA GLY A 209 7.54 -11.31 18.17
C GLY A 209 8.15 -12.62 18.58
N LEU A 210 9.44 -12.81 18.29
CA LEU A 210 10.14 -14.02 18.69
C LEU A 210 10.35 -14.10 20.21
N ARG A 211 10.39 -12.94 20.86
CA ARG A 211 10.76 -12.87 22.29
C ARG A 211 9.85 -13.62 23.26
N PRO A 212 8.50 -13.52 23.13
CA PRO A 212 7.63 -14.37 23.97
C PRO A 212 7.96 -15.86 23.85
N TYR A 213 8.06 -16.39 22.63
CA TYR A 213 8.76 -17.66 22.39
C TYR A 213 10.20 -17.37 22.84
N LEU A 214 11.07 -18.36 22.98
CA LEU A 214 12.39 -18.12 23.57
C LEU A 214 12.28 -17.97 25.09
N ALA A 215 11.54 -16.96 25.56
CA ALA A 215 11.24 -16.83 27.00
C ALA A 215 10.46 -18.05 27.47
N ALA A 216 9.41 -18.40 26.73
CA ALA A 216 8.60 -19.59 27.03
C ALA A 216 9.39 -20.89 26.93
N ALA A 217 10.32 -20.94 25.97
CA ALA A 217 11.16 -22.13 25.73
C ALA A 217 12.21 -22.34 26.84
N GLY A 218 12.64 -21.26 27.47
CA GLY A 218 13.63 -21.34 28.54
C GLY A 218 15.03 -21.06 28.04
N GLU A 219 15.86 -20.47 28.91
CA GLU A 219 17.25 -20.10 28.63
CA GLU A 219 17.22 -20.10 28.53
C GLU A 219 18.08 -21.29 28.14
N GLU A 220 17.84 -22.45 28.77
CA GLU A 220 18.57 -23.68 28.46
CA GLU A 220 18.59 -23.66 28.46
C GLU A 220 18.32 -24.14 27.03
N ASN A 221 17.18 -23.73 26.47
CA ASN A 221 16.80 -24.11 25.11
C ASN A 221 16.94 -23.03 24.06
N ARG A 222 17.49 -21.88 24.45
CA ARG A 222 17.57 -20.73 23.54
C ARG A 222 18.35 -21.05 22.28
N GLU A 223 19.55 -21.60 22.44
CA GLU A 223 20.42 -21.89 21.30
C GLU A 223 19.81 -22.88 20.34
N ALA A 224 19.18 -23.93 20.89
CA ALA A 224 18.57 -24.98 20.11
C ALA A 224 17.31 -24.47 19.41
N PHE A 225 16.49 -23.70 20.13
CA PHE A 225 15.31 -23.06 19.54
C PHE A 225 15.71 -22.19 18.34
N LEU A 226 16.64 -21.27 18.58
CA LEU A 226 17.10 -20.36 17.53
C LEU A 226 17.69 -21.08 16.33
N ALA A 227 18.47 -22.15 16.57
CA ALA A 227 19.03 -22.96 15.47
C ALA A 227 17.97 -23.57 14.58
N ASP A 228 16.97 -24.20 15.20
CA ASP A 228 15.86 -24.80 14.45
C ASP A 228 15.05 -23.73 13.73
N TYR A 229 14.79 -22.62 14.43
CA TYR A 229 14.03 -21.53 13.83
C TYR A 229 14.71 -20.99 12.57
N THR A 230 16.04 -20.88 12.61
CA THR A 230 16.85 -20.33 11.51
C THR A 230 16.79 -21.26 10.29
N ARG A 231 16.94 -22.57 10.53
CA ARG A 231 16.74 -23.60 9.51
C ARG A 231 15.37 -23.47 8.83
N ARG A 232 14.34 -23.21 9.62
CA ARG A 232 12.99 -23.04 9.07
C ARG A 232 12.88 -21.77 8.22
N ILE A 233 13.49 -20.70 8.69
CA ILE A 233 13.53 -19.45 7.93
C ILE A 233 14.25 -19.68 6.59
N ALA A 234 15.39 -20.38 6.63
CA ALA A 234 16.19 -20.65 5.42
C ALA A 234 15.37 -21.47 4.41
N ALA A 235 14.59 -22.42 4.92
CA ALA A 235 13.72 -23.21 4.08
C ALA A 235 12.51 -22.43 3.51
N ALA A 236 12.00 -21.45 4.27
CA ALA A 236 10.74 -20.78 3.92
C ALA A 236 10.87 -19.54 3.03
N TYR A 237 12.07 -18.96 2.96
CA TYR A 237 12.35 -17.76 2.16
C TYR A 237 13.31 -18.06 1.00
N PRO A 238 12.77 -18.36 -0.20
CA PRO A 238 13.61 -18.70 -1.35
C PRO A 238 14.47 -17.51 -1.81
N PRO A 239 15.75 -17.75 -2.10
CA PRO A 239 16.58 -16.62 -2.52
C PRO A 239 16.16 -16.04 -3.87
N MSE A 240 16.38 -14.74 -4.05
CA MSE A 240 16.23 -14.12 -5.34
C MSE A 240 17.48 -14.45 -6.14
O MSE A 240 18.42 -15.06 -5.61
CB MSE A 240 16.04 -12.63 -5.16
CG MSE A 240 14.78 -12.33 -4.38
SE MSE A 240 14.26 -10.47 -4.48
CE MSE A 240 15.56 -9.73 -3.18
N ALA A 241 17.50 -14.10 -7.43
CA ALA A 241 18.63 -14.45 -8.30
C ALA A 241 19.96 -13.92 -7.77
N ASP A 242 19.94 -12.78 -7.07
CA ASP A 242 21.16 -12.23 -6.47
C ASP A 242 21.49 -12.81 -5.08
N GLY A 243 20.67 -13.76 -4.62
CA GLY A 243 20.92 -14.47 -3.36
C GLY A 243 20.24 -13.85 -2.15
N ARG A 244 19.80 -12.60 -2.27
CA ARG A 244 19.02 -11.95 -1.18
C ARG A 244 17.67 -12.63 -0.94
N LEU A 245 17.19 -12.58 0.31
CA LEU A 245 15.85 -13.09 0.64
C LEU A 245 14.84 -11.93 0.59
N LEU A 246 13.56 -12.24 0.57
CA LEU A 246 12.60 -11.17 0.40
C LEU A 246 11.55 -11.32 1.49
N LEU A 247 11.65 -10.45 2.48
CA LEU A 247 10.75 -10.46 3.63
C LEU A 247 9.56 -9.51 3.37
N ARG A 248 8.36 -10.03 3.59
CA ARG A 248 7.13 -9.28 3.37
C ARG A 248 6.67 -8.66 4.67
N PHE A 249 6.15 -7.43 4.62
CA PHE A 249 5.54 -6.79 5.78
CA PHE A 249 5.48 -6.89 5.78
C PHE A 249 4.10 -6.33 5.45
N PRO A 250 3.09 -7.16 5.73
CA PRO A 250 1.68 -6.78 5.56
C PRO A 250 1.30 -5.83 6.69
N ARG A 251 0.66 -4.72 6.32
CA ARG A 251 0.27 -3.67 7.27
C ARG A 251 -1.10 -3.12 6.90
N LEU A 252 -1.93 -2.88 7.93
CA LEU A 252 -3.28 -2.37 7.78
C LEU A 252 -3.30 -0.89 8.17
N PHE A 253 -3.95 -0.09 7.33
CA PHE A 253 -4.04 1.36 7.55
C PHE A 253 -5.49 1.80 7.61
N VAL A 254 -5.81 2.64 8.58
CA VAL A 254 -7.17 3.15 8.75
C VAL A 254 -7.15 4.65 8.98
N VAL A 255 -7.89 5.40 8.15
CA VAL A 255 -7.98 6.85 8.36
C VAL A 255 -9.45 7.28 8.41
N ALA A 256 -9.88 7.86 9.54
CA ALA A 256 -11.27 8.32 9.71
C ALA A 256 -11.33 9.81 10.01
N VAL A 257 -12.28 10.49 9.38
CA VAL A 257 -12.48 11.92 9.56
C VAL A 257 -13.77 12.11 10.36
N LYS A 258 -13.63 12.70 11.55
CA LYS A 258 -14.76 12.89 12.47
C LYS A 258 -15.88 13.71 11.85
N LYS A 259 -17.11 13.20 11.99
CA LYS A 259 -18.35 13.88 11.60
C LYS A 259 -18.41 15.29 12.22
N GLU B 15 -10.90 15.20 -4.06
CA GLU B 15 -9.92 14.36 -4.81
C GLU B 15 -10.51 13.00 -5.11
N ASP B 16 -10.29 12.52 -6.33
CA ASP B 16 -10.99 11.35 -6.86
C ASP B 16 -10.34 10.07 -6.35
N GLU B 17 -11.15 9.11 -5.88
CA GLU B 17 -10.63 7.78 -5.51
C GLU B 17 -9.98 7.08 -6.71
N ARG B 18 -10.39 7.48 -7.92
CA ARG B 18 -9.85 6.89 -9.14
CA ARG B 18 -9.85 6.91 -9.16
C ARG B 18 -8.39 7.28 -9.40
N THR B 19 -7.97 8.44 -8.89
CA THR B 19 -6.57 8.90 -9.04
C THR B 19 -5.64 8.50 -7.86
N ARG B 20 -6.19 7.86 -6.83
CA ARG B 20 -5.40 7.51 -5.64
C ARG B 20 -4.15 6.65 -5.92
N PRO B 21 -4.28 5.57 -6.73
CA PRO B 21 -3.08 4.77 -7.04
C PRO B 21 -2.03 5.61 -7.76
N ALA B 22 -2.45 6.47 -8.69
CA ALA B 22 -1.50 7.30 -9.46
C ALA B 22 -0.72 8.24 -8.54
N ARG B 23 -1.43 8.85 -7.58
CA ARG B 23 -0.83 9.75 -6.62
C ARG B 23 0.12 9.01 -5.69
N ASP B 24 -0.29 7.83 -5.21
CA ASP B 24 0.55 7.00 -4.32
C ASP B 24 1.84 6.55 -5.02
N LEU B 25 1.75 6.23 -6.31
CA LEU B 25 2.92 5.89 -7.13
C LEU B 25 3.87 7.08 -7.28
N LEU B 26 3.33 8.23 -7.68
CA LEU B 26 4.13 9.45 -7.86
C LEU B 26 4.81 9.90 -6.57
N ALA B 27 4.12 9.74 -5.45
CA ALA B 27 4.68 10.09 -4.14
C ALA B 27 5.96 9.31 -3.84
N GLN B 28 6.13 8.13 -4.47
CA GLN B 28 7.36 7.36 -4.30
C GLN B 28 8.47 7.61 -5.33
N VAL B 29 8.23 8.48 -6.31
CA VAL B 29 9.31 8.91 -7.22
C VAL B 29 10.28 9.84 -6.48
N PRO B 30 11.55 9.42 -6.34
CA PRO B 30 12.57 10.18 -5.56
C PRO B 30 13.19 11.42 -6.22
N LEU B 31 12.75 11.76 -7.43
CA LEU B 31 13.36 12.87 -8.17
C LEU B 31 12.75 14.21 -7.79
N GLU B 32 13.59 15.14 -7.37
CA GLU B 32 13.16 16.48 -7.00
CA GLU B 32 13.16 16.48 -7.00
C GLU B 32 12.82 17.28 -8.26
N ARG B 33 13.49 16.96 -9.35
CA ARG B 33 13.32 17.66 -10.62
C ARG B 33 13.33 16.67 -11.78
N VAL B 34 12.53 16.95 -12.80
CA VAL B 34 12.50 16.14 -14.03
C VAL B 34 12.72 17.03 -15.27
N LEU B 35 13.54 16.56 -16.21
CA LEU B 35 13.80 17.30 -17.46
C LEU B 35 13.26 16.61 -18.71
N ASN B 36 13.24 15.28 -18.69
CA ASN B 36 12.69 14.50 -19.81
C ASN B 36 11.88 13.32 -19.27
N GLY B 37 10.68 13.65 -18.83
CA GLY B 37 9.79 12.67 -18.20
C GLY B 37 8.72 12.24 -19.16
N TYR B 38 8.22 11.03 -18.94
CA TYR B 38 7.18 10.46 -19.78
C TYR B 38 6.06 9.85 -18.95
N ASP B 39 4.82 10.14 -19.35
CA ASP B 39 3.67 9.46 -18.81
C ASP B 39 3.20 8.43 -19.83
N LEU B 40 3.55 7.18 -19.57
CA LEU B 40 3.30 6.08 -20.51
C LEU B 40 1.91 5.49 -20.30
N GLY B 41 1.23 5.28 -21.43
CA GLY B 41 -0.20 4.96 -21.41
C GLY B 41 -0.96 6.08 -20.69
N CYS B 42 -0.75 7.32 -21.15
CA CYS B 42 -1.28 8.52 -20.48
C CYS B 42 -2.82 8.61 -20.44
N GLY B 43 -3.50 7.89 -21.33
CA GLY B 43 -4.95 8.04 -21.49
C GLY B 43 -5.33 9.49 -21.65
N PRO B 44 -6.43 9.92 -21.00
CA PRO B 44 -6.96 11.26 -21.21
C PRO B 44 -6.29 12.37 -20.41
N GLY B 45 -5.15 12.07 -19.78
CA GLY B 45 -4.33 13.10 -19.13
C GLY B 45 -4.50 13.27 -17.62
N ASN B 46 -5.23 12.38 -16.97
CA ASN B 46 -5.37 12.49 -15.53
CA ASN B 46 -5.40 12.40 -15.51
C ASN B 46 -4.04 12.20 -14.81
N SER B 47 -3.37 11.13 -15.21
CA SER B 47 -2.04 10.82 -14.66
C SER B 47 -1.03 11.88 -15.08
N THR B 48 -1.11 12.33 -16.33
CA THR B 48 -0.17 13.32 -16.88
C THR B 48 -0.21 14.63 -16.12
N GLU B 49 -1.42 15.07 -15.79
CA GLU B 49 -1.61 16.28 -15.01
C GLU B 49 -0.97 16.19 -13.62
N LEU B 50 -1.05 15.01 -12.99
CA LEU B 50 -0.33 14.78 -11.75
C LEU B 50 1.19 15.03 -11.91
N LEU B 51 1.75 14.56 -13.02
CA LEU B 51 3.18 14.75 -13.31
C LEU B 51 3.52 16.20 -13.60
N THR B 52 2.75 16.85 -14.48
CA THR B 52 2.98 18.27 -14.77
C THR B 52 2.79 19.14 -13.53
N ASP B 53 1.81 18.81 -12.68
CA ASP B 53 1.62 19.54 -11.41
C ASP B 53 2.90 19.53 -10.55
N ARG B 54 3.54 18.37 -10.47
CA ARG B 54 4.77 18.22 -9.70
C ARG B 54 6.00 18.82 -10.39
N TYR B 55 6.13 18.61 -11.69
CA TYR B 55 7.39 18.83 -12.39
C TYR B 55 7.42 19.94 -13.45
N GLY B 56 6.25 20.36 -13.93
CA GLY B 56 6.16 21.38 -14.99
C GLY B 56 5.49 20.81 -16.22
N VAL B 57 4.77 21.68 -16.95
CA VAL B 57 4.05 21.29 -18.17
C VAL B 57 5.00 21.01 -19.33
N ASN B 58 6.17 21.62 -19.28
CA ASN B 58 7.12 21.54 -20.40
CA ASN B 58 7.18 21.60 -20.34
C ASN B 58 8.12 20.38 -20.33
N VAL B 59 8.09 19.59 -19.26
CA VAL B 59 9.07 18.52 -19.11
C VAL B 59 8.50 17.10 -19.12
N ILE B 60 7.18 17.00 -19.31
CA ILE B 60 6.47 15.71 -19.39
C ILE B 60 5.87 15.51 -20.79
N THR B 61 6.06 14.32 -21.36
CA THR B 61 5.44 13.92 -22.62
C THR B 61 4.51 12.73 -22.33
N GLY B 62 3.26 12.80 -22.77
CA GLY B 62 2.35 11.69 -22.63
C GLY B 62 2.47 10.79 -23.85
N ILE B 63 2.51 9.49 -23.63
CA ILE B 63 2.55 8.52 -24.72
C ILE B 63 1.35 7.59 -24.59
N ASP B 64 0.71 7.27 -25.72
CA ASP B 64 -0.43 6.35 -25.76
C ASP B 64 -0.63 5.81 -27.17
N SER B 65 -1.28 4.66 -27.29
CA SER B 65 -1.55 4.07 -28.60
C SER B 65 -2.89 4.53 -29.19
N ASP B 66 -3.77 5.04 -28.32
CA ASP B 66 -5.14 5.43 -28.69
C ASP B 66 -5.20 6.92 -29.04
N ASP B 67 -5.54 7.23 -30.30
CA ASP B 67 -5.63 8.61 -30.77
C ASP B 67 -6.68 9.44 -30.02
N ASP B 68 -7.80 8.82 -29.65
CA ASP B 68 -8.87 9.49 -28.93
C ASP B 68 -8.47 9.87 -27.51
N MSE B 69 -7.65 9.03 -26.89
CA MSE B 69 -7.02 9.35 -25.61
C MSE B 69 -6.08 10.56 -25.73
O MSE B 69 -6.16 11.48 -24.93
CB MSE B 69 -6.26 8.14 -25.08
CG MSE B 69 -7.14 6.99 -24.62
SE MSE B 69 -8.54 7.64 -23.42
CE MSE B 69 -10.03 7.93 -24.69
N LEU B 70 -5.22 10.53 -26.73
CA LEU B 70 -4.26 11.63 -26.96
C LEU B 70 -4.92 12.97 -27.24
N GLU B 71 -6.07 12.96 -27.92
CA GLU B 71 -6.78 14.21 -28.20
C GLU B 71 -7.41 14.80 -26.92
N LYS B 72 -7.98 13.94 -26.07
CA LYS B 72 -8.49 14.34 -24.74
C LYS B 72 -7.37 14.86 -23.82
N ALA B 73 -6.24 14.16 -23.78
CA ALA B 73 -5.09 14.58 -22.98
C ALA B 73 -4.55 15.95 -23.43
N ALA B 74 -4.42 16.11 -24.75
CA ALA B 74 -3.93 17.36 -25.35
C ALA B 74 -4.89 18.53 -25.11
N ASP B 75 -6.18 18.25 -25.09
CA ASP B 75 -7.20 19.23 -24.72
C ASP B 75 -7.07 19.66 -23.26
N ARG B 76 -6.81 18.69 -22.38
CA ARG B 76 -6.72 18.95 -20.95
C ARG B 76 -5.42 19.68 -20.60
N LEU B 77 -4.36 19.36 -21.33
CA LEU B 77 -3.03 19.96 -21.12
C LEU B 77 -2.51 20.56 -22.43
N PRO B 78 -2.96 21.79 -22.78
CA PRO B 78 -2.66 22.37 -24.10
C PRO B 78 -1.19 22.78 -24.31
N ASN B 79 -0.41 22.78 -23.24
CA ASN B 79 0.99 23.18 -23.32
C ASN B 79 1.98 22.04 -23.08
N THR B 80 1.46 20.81 -23.14
CA THR B 80 2.25 19.60 -22.89
C THR B 80 2.34 18.77 -24.17
N ASN B 81 3.50 18.16 -24.39
CA ASN B 81 3.74 17.31 -25.56
C ASN B 81 3.07 15.95 -25.44
N PHE B 82 2.54 15.47 -26.55
CA PHE B 82 1.95 14.12 -26.61
C PHE B 82 2.38 13.38 -27.86
N GLY B 83 2.54 12.06 -27.75
CA GLY B 83 2.94 11.24 -28.88
C GLY B 83 2.25 9.90 -28.91
N LYS B 84 2.00 9.40 -30.12
CA LYS B 84 1.43 8.10 -30.38
C LYS B 84 2.51 7.03 -30.53
N ALA B 85 2.41 5.97 -29.74
CA ALA B 85 3.32 4.83 -29.83
C ALA B 85 2.75 3.60 -29.13
N ASP B 86 3.26 2.45 -29.53
CA ASP B 86 2.99 1.18 -28.89
C ASP B 86 4.13 0.92 -27.90
N LEU B 87 3.79 0.81 -26.62
CA LEU B 87 4.79 0.59 -25.55
C LEU B 87 5.55 -0.73 -25.65
N ALA B 88 5.04 -1.66 -26.45
CA ALA B 88 5.69 -2.94 -26.68
C ALA B 88 7.08 -2.75 -27.31
N THR B 89 7.23 -1.66 -28.06
CA THR B 89 8.49 -1.37 -28.75
C THR B 89 9.00 0.07 -28.57
N TRP B 90 8.15 0.96 -28.07
CA TRP B 90 8.53 2.37 -27.93
C TRP B 90 9.84 2.60 -27.17
N LYS B 91 10.59 3.59 -27.63
CA LYS B 91 11.73 4.14 -26.89
C LYS B 91 11.80 5.66 -27.14
N PRO B 92 12.20 6.43 -26.11
CA PRO B 92 12.28 7.89 -26.25
C PRO B 92 13.41 8.32 -27.19
N ALA B 93 13.26 9.52 -27.77
CA ALA B 93 14.26 10.05 -28.72
C ALA B 93 15.60 10.32 -28.03
N GLN B 94 15.51 10.71 -26.75
CA GLN B 94 16.68 10.92 -25.92
CA GLN B 94 16.66 10.99 -25.89
C GLN B 94 16.48 10.17 -24.62
N LYS B 95 17.56 9.99 -23.86
CA LYS B 95 17.48 9.29 -22.58
C LYS B 95 16.50 10.01 -21.64
N ALA B 96 15.66 9.26 -20.95
CA ALA B 96 14.68 9.87 -20.04
C ALA B 96 15.20 9.92 -18.62
N ASP B 97 14.73 10.88 -17.83
CA ASP B 97 14.94 10.77 -16.40
C ASP B 97 13.72 10.25 -15.61
N LEU B 98 12.58 10.12 -16.27
CA LEU B 98 11.38 9.55 -15.64
C LEU B 98 10.50 8.82 -16.66
N LEU B 99 10.25 7.56 -16.39
CA LEU B 99 9.30 6.74 -17.13
C LEU B 99 8.27 6.27 -16.13
N TYR B 100 7.12 6.92 -16.20
CA TYR B 100 6.04 6.73 -15.25
C TYR B 100 4.88 6.11 -15.99
N ALA B 101 4.30 5.06 -15.44
CA ALA B 101 3.27 4.31 -16.16
C ALA B 101 2.23 3.75 -15.20
N ASN B 102 1.15 4.50 -15.03
CA ASN B 102 0.09 4.10 -14.13
C ASN B 102 -1.03 3.34 -14.87
N ALA B 103 -1.23 2.10 -14.46
CA ALA B 103 -2.31 1.23 -14.93
C ALA B 103 -2.30 1.00 -16.45
N VAL B 104 -1.10 0.80 -17.01
CA VAL B 104 -0.99 0.45 -18.44
C VAL B 104 -0.40 -0.92 -18.72
N PHE B 105 0.67 -1.27 -18.01
CA PHE B 105 1.50 -2.43 -18.41
C PHE B 105 0.88 -3.82 -18.30
N GLN B 106 -0.25 -3.90 -17.60
CA GLN B 106 -1.07 -5.12 -17.61
C GLN B 106 -1.57 -5.49 -19.01
N TRP B 107 -1.68 -4.49 -19.88
CA TRP B 107 -2.12 -4.77 -21.24
CA TRP B 107 -2.11 -4.62 -21.28
C TRP B 107 -0.96 -5.03 -22.20
N VAL B 108 0.27 -4.90 -21.70
CA VAL B 108 1.45 -5.14 -22.54
C VAL B 108 2.02 -6.55 -22.35
N PRO B 109 1.93 -7.41 -23.40
CA PRO B 109 2.50 -8.76 -23.32
C PRO B 109 3.97 -8.72 -22.96
N ASP B 110 4.44 -9.68 -22.16
CA ASP B 110 5.85 -9.82 -21.84
C ASP B 110 6.34 -8.52 -21.16
N HIS B 111 5.48 -7.90 -20.35
CA HIS B 111 5.79 -6.57 -19.79
C HIS B 111 7.06 -6.50 -18.94
N LEU B 112 7.44 -7.58 -18.27
CA LEU B 112 8.68 -7.56 -17.49
C LEU B 112 9.90 -7.29 -18.37
N ALA B 113 9.95 -7.99 -19.50
CA ALA B 113 11.01 -7.80 -20.50
C ALA B 113 10.94 -6.40 -21.07
N VAL B 114 9.74 -5.94 -21.38
CA VAL B 114 9.53 -4.58 -21.83
C VAL B 114 10.06 -3.56 -20.81
N LEU B 115 9.72 -3.76 -19.53
CA LEU B 115 10.20 -2.91 -18.44
C LEU B 115 11.72 -2.89 -18.31
N SER B 116 12.33 -4.08 -18.33
CA SER B 116 13.78 -4.17 -18.32
C SER B 116 14.44 -3.42 -19.49
N GLN B 117 13.86 -3.53 -20.68
CA GLN B 117 14.40 -2.83 -21.85
CA GLN B 117 14.41 -2.83 -21.85
C GLN B 117 14.21 -1.32 -21.74
N LEU B 118 13.09 -0.92 -21.15
CA LEU B 118 12.82 0.50 -20.95
C LEU B 118 13.89 1.14 -20.07
N MSE B 119 14.37 0.41 -19.07
CA MSE B 119 15.41 0.97 -18.22
C MSE B 119 16.71 1.36 -18.92
O MSE B 119 17.38 2.29 -18.52
CB MSE B 119 15.63 0.09 -17.02
CG MSE B 119 14.41 0.15 -16.14
SE MSE B 119 14.89 -0.38 -14.39
CE MSE B 119 15.91 1.19 -13.80
N ASP B 120 17.02 0.65 -20.00
CA ASP B 120 18.15 1.04 -20.87
C ASP B 120 17.94 2.42 -21.51
N GLN B 121 16.69 2.89 -21.48
CA GLN B 121 16.31 4.20 -22.02
C GLN B 121 16.37 5.31 -20.95
N LEU B 122 16.77 4.94 -19.73
CA LEU B 122 16.93 5.88 -18.65
C LEU B 122 18.38 6.29 -18.48
N GLU B 123 18.60 7.59 -18.20
CA GLU B 123 19.88 8.03 -17.72
C GLU B 123 20.12 7.50 -16.29
N SER B 124 21.39 7.48 -15.91
CA SER B 124 21.79 7.13 -14.55
C SER B 124 21.03 8.01 -13.55
N GLY B 125 20.41 7.39 -12.55
CA GLY B 125 19.61 8.10 -11.54
C GLY B 125 18.18 8.35 -11.98
N GLY B 126 17.88 8.08 -13.25
CA GLY B 126 16.51 8.10 -13.77
C GLY B 126 15.60 7.08 -13.11
N VAL B 127 14.29 7.34 -13.17
CA VAL B 127 13.31 6.53 -12.44
C VAL B 127 12.31 5.84 -13.38
N LEU B 128 12.12 4.55 -13.16
CA LEU B 128 10.96 3.83 -13.68
C LEU B 128 9.96 3.65 -12.54
N ALA B 129 8.71 4.07 -12.76
CA ALA B 129 7.64 3.93 -11.77
C ALA B 129 6.40 3.41 -12.45
N VAL B 130 5.93 2.26 -11.98
CA VAL B 130 4.86 1.54 -12.64
C VAL B 130 3.87 1.03 -11.60
N GLN B 131 2.58 1.09 -11.95
CA GLN B 131 1.50 0.48 -11.18
C GLN B 131 0.59 -0.37 -12.07
N MSE B 132 0.24 -1.56 -11.58
CA MSE B 132 -0.70 -2.43 -12.29
C MSE B 132 -1.75 -3.01 -11.41
O MSE B 132 -1.42 -3.47 -10.30
CB MSE B 132 0.05 -3.59 -12.93
CG MSE B 132 0.22 -3.43 -14.38
SE MSE B 132 1.90 -4.19 -14.77
CE MSE B 132 2.87 -2.88 -13.62
N PRO B 133 -3.02 -3.02 -11.89
CA PRO B 133 -4.07 -3.73 -11.18
C PRO B 133 -3.76 -5.20 -11.09
N ASP B 134 -4.15 -5.80 -9.98
CA ASP B 134 -3.91 -7.20 -9.71
C ASP B 134 -5.28 -7.79 -9.35
N ASN B 135 -6.22 -7.67 -10.26
CA ASN B 135 -7.61 -7.96 -9.92
C ASN B 135 -8.18 -9.23 -10.50
N LEU B 136 -7.34 -10.01 -11.18
CA LEU B 136 -7.81 -11.19 -11.90
C LEU B 136 -8.43 -12.27 -11.00
N GLN B 137 -8.06 -12.29 -9.74
CA GLN B 137 -8.63 -13.28 -8.82
C GLN B 137 -9.64 -12.69 -7.85
N GLU B 138 -10.03 -11.44 -8.08
CA GLU B 138 -11.10 -10.80 -7.30
C GLU B 138 -12.45 -11.30 -7.81
N PRO B 139 -13.47 -11.37 -6.91
CA PRO B 139 -14.78 -11.87 -7.32
C PRO B 139 -15.36 -11.17 -8.54
N THR B 140 -15.08 -9.87 -8.70
CA THR B 140 -15.51 -9.14 -9.90
C THR B 140 -15.08 -9.86 -11.19
N HIS B 141 -13.82 -10.30 -11.23
CA HIS B 141 -13.28 -10.95 -12.42
C HIS B 141 -13.59 -12.42 -12.54
N ILE B 142 -13.61 -13.12 -11.41
CA ILE B 142 -14.04 -14.50 -11.36
C ILE B 142 -15.48 -14.65 -11.86
N ALA B 143 -16.38 -13.82 -11.34
CA ALA B 143 -17.79 -13.79 -11.78
C ALA B 143 -17.99 -13.55 -13.29
N MSE B 144 -17.04 -12.86 -13.93
CA MSE B 144 -17.11 -12.68 -15.40
C MSE B 144 -16.97 -14.01 -16.14
O MSE B 144 -17.77 -14.30 -17.05
CB MSE B 144 -16.07 -11.68 -15.92
CG MSE B 144 -16.19 -10.29 -15.32
SE MSE B 144 -14.74 -9.16 -15.98
CE MSE B 144 -14.88 -7.72 -14.65
N HIS B 145 -15.98 -14.80 -15.76
CA HIS B 145 -15.83 -16.16 -16.32
C HIS B 145 -17.02 -17.05 -16.00
N GLU B 146 -17.50 -16.99 -14.76
CA GLU B 146 -18.64 -17.80 -14.33
C GLU B 146 -19.92 -17.52 -15.13
N THR B 147 -20.22 -16.23 -15.32
CA THR B 147 -21.35 -15.81 -16.13
C THR B 147 -21.16 -16.27 -17.58
N ALA B 148 -19.96 -16.06 -18.12
CA ALA B 148 -19.61 -16.47 -19.48
C ALA B 148 -19.78 -17.98 -19.68
N ASP B 149 -19.19 -18.76 -18.77
CA ASP B 149 -19.16 -20.22 -18.92
C ASP B 149 -20.46 -20.89 -18.52
N GLY B 150 -21.25 -20.21 -17.71
CA GLY B 150 -22.49 -20.76 -17.18
C GLY B 150 -23.77 -20.47 -17.95
N GLY B 151 -23.67 -19.65 -19.00
CA GLY B 151 -24.86 -19.21 -19.75
C GLY B 151 -24.98 -19.86 -21.13
N PRO B 152 -26.09 -19.59 -21.83
CA PRO B 152 -26.33 -20.16 -23.18
C PRO B 152 -25.39 -19.59 -24.27
N TRP B 153 -24.65 -18.53 -23.93
CA TRP B 153 -23.64 -17.91 -24.80
C TRP B 153 -22.26 -18.53 -24.59
N LYS B 154 -22.19 -19.58 -23.78
CA LYS B 154 -20.90 -20.17 -23.39
C LYS B 154 -19.98 -20.61 -24.54
N ASP B 155 -20.53 -20.83 -25.73
CA ASP B 155 -19.70 -21.19 -26.89
C ASP B 155 -18.78 -20.05 -27.30
N ALA B 156 -19.29 -18.82 -27.22
CA ALA B 156 -18.51 -17.62 -27.53
C ALA B 156 -17.23 -17.51 -26.70
N PHE B 157 -17.15 -18.27 -25.61
CA PHE B 157 -16.03 -18.20 -24.67
C PHE B 157 -15.18 -19.48 -24.61
N SER B 158 -15.40 -20.40 -25.54
CA SER B 158 -14.61 -21.64 -25.64
C SER B 158 -13.15 -21.38 -25.97
N ARG B 164 -4.71 -10.86 -18.66
CA ARG B 164 -4.81 -12.25 -19.12
C ARG B 164 -3.97 -13.17 -18.23
N LYS B 165 -2.65 -12.97 -18.27
CA LYS B 165 -1.73 -13.70 -17.41
C LYS B 165 -1.69 -13.03 -16.03
N PRO B 166 -1.50 -13.82 -14.96
CA PRO B 166 -1.38 -13.24 -13.62
C PRO B 166 -0.12 -12.37 -13.55
N LEU B 167 -0.10 -11.39 -12.65
CA LEU B 167 1.11 -10.60 -12.45
C LEU B 167 2.14 -11.49 -11.79
N PRO B 168 3.41 -11.35 -12.23
CA PRO B 168 4.53 -12.05 -11.58
C PRO B 168 4.66 -11.65 -10.12
N PRO B 169 5.25 -12.53 -9.28
CA PRO B 169 5.46 -12.13 -7.89
C PRO B 169 6.46 -10.96 -7.81
N PRO B 170 6.46 -10.20 -6.68
CA PRO B 170 7.49 -9.15 -6.49
C PRO B 170 8.94 -9.61 -6.80
N SER B 171 9.30 -10.82 -6.38
CA SER B 171 10.67 -11.33 -6.61
C SER B 171 11.09 -11.36 -8.09
N ASP B 172 10.14 -11.59 -9.01
CA ASP B 172 10.44 -11.54 -10.43
C ASP B 172 10.79 -10.13 -10.91
N TYR B 173 10.20 -9.11 -10.30
CA TYR B 173 10.50 -7.71 -10.61
C TYR B 173 11.90 -7.35 -10.13
N PHE B 174 12.24 -7.78 -8.92
CA PHE B 174 13.61 -7.62 -8.49
C PHE B 174 14.58 -8.34 -9.43
N ASN B 175 14.31 -9.61 -9.76
CA ASN B 175 15.26 -10.32 -10.63
C ASN B 175 15.43 -9.62 -11.98
N ALA B 176 14.33 -9.10 -12.54
CA ALA B 176 14.36 -8.45 -13.86
C ALA B 176 15.04 -7.09 -13.81
N LEU B 177 14.78 -6.32 -12.76
CA LEU B 177 15.19 -4.91 -12.73
C LEU B 177 16.44 -4.59 -11.89
N SER B 178 16.68 -5.35 -10.81
CA SER B 178 17.88 -5.17 -9.96
C SER B 178 19.22 -5.09 -10.72
N PRO B 179 19.46 -5.96 -11.73
CA PRO B 179 20.75 -5.85 -12.47
C PRO B 179 21.00 -4.49 -13.13
N LYS B 180 19.95 -3.74 -13.44
CA LYS B 180 20.08 -2.42 -14.05
C LYS B 180 19.80 -1.27 -13.09
N SER B 181 19.55 -1.57 -11.81
CA SER B 181 19.06 -0.58 -10.87
C SER B 181 19.95 -0.40 -9.66
N SER B 182 20.08 0.82 -9.18
CA SER B 182 20.72 1.03 -7.89
C SER B 182 19.73 0.82 -6.74
N ARG B 183 18.42 0.94 -7.01
CA ARG B 183 17.37 0.71 -6.00
C ARG B 183 16.12 0.15 -6.67
N VAL B 184 15.43 -0.80 -6.02
CA VAL B 184 14.14 -1.29 -6.52
C VAL B 184 13.24 -1.36 -5.31
N ASP B 185 12.00 -0.89 -5.47
CA ASP B 185 11.02 -0.98 -4.40
C ASP B 185 9.75 -1.59 -4.98
N VAL B 186 9.23 -2.66 -4.36
CA VAL B 186 7.97 -3.27 -4.83
C VAL B 186 7.01 -3.36 -3.64
N TRP B 187 5.75 -2.94 -3.83
CA TRP B 187 4.73 -3.12 -2.80
C TRP B 187 3.39 -3.39 -3.49
N HIS B 188 2.47 -3.94 -2.71
CA HIS B 188 1.18 -4.36 -3.19
C HIS B 188 0.19 -3.77 -2.20
N THR B 189 -0.84 -3.09 -2.70
CA THR B 189 -1.86 -2.50 -1.84
C THR B 189 -3.24 -2.99 -2.26
N VAL B 190 -4.06 -3.36 -1.27
CA VAL B 190 -5.49 -3.60 -1.54
C VAL B 190 -6.28 -2.40 -1.01
N TYR B 191 -6.80 -1.59 -1.92
CA TYR B 191 -7.61 -0.43 -1.58
C TYR B 191 -9.06 -0.91 -1.43
N ASN B 192 -9.86 -0.15 -0.68
CA ASN B 192 -11.27 -0.47 -0.49
C ASN B 192 -12.10 0.70 -0.96
N HIS B 193 -13.17 0.42 -1.72
CA HIS B 193 -14.09 1.46 -2.20
CA HIS B 193 -14.09 1.46 -2.18
C HIS B 193 -15.51 1.04 -1.81
N PRO B 194 -16.13 1.70 -0.79
CA PRO B 194 -17.54 1.41 -0.50
C PRO B 194 -18.41 1.77 -1.73
N MSE B 195 -19.37 0.91 -2.04
CA MSE B 195 -20.22 1.09 -3.22
C MSE B 195 -21.68 1.02 -2.78
O MSE B 195 -22.01 0.30 -1.84
CB MSE B 195 -19.93 -0.01 -4.25
CG MSE B 195 -18.47 -0.05 -4.70
SE MSE B 195 -18.03 1.51 -5.82
CE MSE B 195 -19.01 0.99 -7.36
N LYS B 196 -22.55 1.73 -3.48
CA LYS B 196 -23.96 1.78 -3.08
C LYS B 196 -24.60 0.39 -3.12
N ASP B 197 -24.37 -0.35 -4.20
CA ASP B 197 -25.04 -1.62 -4.44
C ASP B 197 -24.31 -2.46 -5.49
N ALA B 198 -24.87 -3.62 -5.84
CA ALA B 198 -24.27 -4.50 -6.82
C ALA B 198 -24.25 -3.83 -8.20
N ASP B 199 -25.33 -3.10 -8.54
CA ASP B 199 -25.41 -2.35 -9.81
C ASP B 199 -24.22 -1.37 -9.97
N SER B 200 -23.86 -0.68 -8.89
CA SER B 200 -22.73 0.25 -8.86
C SER B 200 -21.40 -0.44 -9.17
N ILE B 201 -21.18 -1.64 -8.61
CA ILE B 201 -19.96 -2.43 -8.89
C ILE B 201 -19.90 -2.82 -10.37
N VAL B 202 -21.01 -3.33 -10.88
CA VAL B 202 -21.14 -3.73 -12.29
C VAL B 202 -20.82 -2.55 -13.23
N GLU B 203 -21.38 -1.38 -12.92
CA GLU B 203 -21.11 -0.18 -13.70
C GLU B 203 -19.64 0.18 -13.66
N TRP B 204 -19.06 0.16 -12.47
CA TRP B 204 -17.65 0.45 -12.31
C TRP B 204 -16.79 -0.45 -13.22
N VAL B 205 -17.06 -1.75 -13.15
CA VAL B 205 -16.23 -2.76 -13.79
C VAL B 205 -16.33 -2.77 -15.33
N LYS B 206 -17.33 -2.08 -15.87
CA LYS B 206 -17.37 -1.76 -17.32
C LYS B 206 -16.07 -1.09 -17.81
N GLY B 207 -15.40 -0.34 -16.93
CA GLY B 207 -14.13 0.30 -17.26
C GLY B 207 -12.89 -0.49 -16.88
N THR B 208 -13.10 -1.74 -16.47
CA THR B 208 -12.07 -2.54 -15.81
C THR B 208 -11.95 -3.96 -16.38
N GLY B 209 -12.75 -4.27 -17.40
CA GLY B 209 -12.63 -5.58 -18.04
C GLY B 209 -13.91 -6.30 -18.37
N LEU B 210 -15.05 -5.76 -17.91
CA LEU B 210 -16.32 -6.35 -18.28
C LEU B 210 -16.61 -6.22 -19.78
N ARG B 211 -16.11 -5.14 -20.38
CA ARG B 211 -16.50 -4.83 -21.77
C ARG B 211 -16.23 -5.87 -22.87
N PRO B 212 -15.05 -6.53 -22.87
CA PRO B 212 -14.87 -7.65 -23.82
C PRO B 212 -15.78 -8.85 -23.56
N TYR B 213 -16.20 -9.07 -22.31
CA TYR B 213 -17.16 -10.14 -22.03
C TYR B 213 -18.52 -9.87 -22.66
N LEU B 214 -19.01 -8.65 -22.50
CA LEU B 214 -20.27 -8.25 -23.12
C LEU B 214 -20.19 -8.32 -24.66
N ALA B 215 -19.03 -7.91 -25.20
CA ALA B 215 -18.76 -7.97 -26.65
C ALA B 215 -18.84 -9.40 -27.19
N ALA B 216 -18.20 -10.33 -26.49
CA ALA B 216 -18.22 -11.74 -26.85
C ALA B 216 -19.61 -12.35 -26.67
N ALA B 217 -20.31 -11.99 -25.60
CA ALA B 217 -21.66 -12.50 -25.33
C ALA B 217 -22.69 -12.09 -26.40
N GLY B 218 -22.53 -10.89 -26.95
CA GLY B 218 -23.43 -10.39 -27.99
C GLY B 218 -24.42 -9.34 -27.50
N GLU B 219 -24.65 -8.34 -28.33
CA GLU B 219 -25.63 -7.28 -28.00
C GLU B 219 -27.01 -7.80 -27.53
N GLU B 220 -27.56 -8.79 -28.22
CA GLU B 220 -28.89 -9.35 -27.87
C GLU B 220 -28.90 -10.11 -26.53
N ASN B 221 -27.73 -10.55 -26.08
CA ASN B 221 -27.54 -11.21 -24.79
C ASN B 221 -27.11 -10.25 -23.68
N ARG B 222 -26.95 -8.98 -24.01
CA ARG B 222 -26.49 -7.98 -23.04
C ARG B 222 -27.28 -8.02 -21.72
N GLU B 223 -28.61 -7.98 -21.81
CA GLU B 223 -29.48 -7.95 -20.63
CA GLU B 223 -29.48 -7.96 -20.64
C GLU B 223 -29.36 -9.22 -19.77
N ALA B 224 -29.44 -10.39 -20.40
CA ALA B 224 -29.30 -11.64 -19.66
C ALA B 224 -27.90 -11.80 -19.04
N PHE B 225 -26.87 -11.39 -19.76
CA PHE B 225 -25.49 -11.47 -19.23
C PHE B 225 -25.33 -10.60 -17.98
N LEU B 226 -25.72 -9.33 -18.10
CA LEU B 226 -25.60 -8.38 -17.01
C LEU B 226 -26.43 -8.78 -15.82
N ALA B 227 -27.61 -9.33 -16.06
CA ALA B 227 -28.46 -9.84 -14.99
C ALA B 227 -27.79 -10.95 -14.18
N ASP B 228 -27.26 -11.97 -14.86
CA ASP B 228 -26.59 -13.06 -14.16
C ASP B 228 -25.32 -12.55 -13.45
N TYR B 229 -24.56 -11.70 -14.13
CA TYR B 229 -23.34 -11.13 -13.56
C TYR B 229 -23.61 -10.32 -12.28
N THR B 230 -24.67 -9.50 -12.29
CA THR B 230 -25.06 -8.69 -11.11
C THR B 230 -25.45 -9.58 -9.93
N ARG B 231 -26.21 -10.64 -10.20
CA ARG B 231 -26.56 -11.61 -9.15
C ARG B 231 -25.31 -12.16 -8.49
N ARG B 232 -24.33 -12.53 -9.30
CA ARG B 232 -23.06 -13.07 -8.79
C ARG B 232 -22.29 -12.02 -7.98
N ILE B 233 -22.29 -10.78 -8.45
CA ILE B 233 -21.68 -9.68 -7.69
C ILE B 233 -22.38 -9.50 -6.35
N ALA B 234 -23.72 -9.46 -6.36
CA ALA B 234 -24.46 -9.32 -5.11
C ALA B 234 -24.11 -10.46 -4.14
N ALA B 235 -23.96 -11.68 -4.66
CA ALA B 235 -23.61 -12.83 -3.82
C ALA B 235 -22.18 -12.77 -3.24
N ALA B 236 -21.27 -12.15 -3.98
CA ALA B 236 -19.85 -12.12 -3.62
C ALA B 236 -19.44 -10.97 -2.71
N TYR B 237 -20.21 -9.88 -2.71
CA TYR B 237 -19.87 -8.70 -1.91
C TYR B 237 -20.98 -8.35 -0.89
N PRO B 238 -20.92 -8.98 0.30
CA PRO B 238 -22.00 -8.80 1.28
C PRO B 238 -22.05 -7.39 1.86
N PRO B 239 -23.25 -6.88 2.15
CA PRO B 239 -23.40 -5.51 2.66
C PRO B 239 -22.76 -5.33 4.04
N MSE B 240 -22.18 -4.15 4.26
CA MSE B 240 -21.74 -3.73 5.57
C MSE B 240 -22.95 -3.26 6.37
O MSE B 240 -24.09 -3.29 5.86
CB MSE B 240 -20.72 -2.60 5.43
CG MSE B 240 -19.52 -3.00 4.60
SE MSE B 240 -18.11 -1.66 4.67
CE MSE B 240 -18.95 -0.32 3.50
N ALA B 241 -22.72 -2.82 7.62
CA ALA B 241 -23.83 -2.42 8.50
C ALA B 241 -24.69 -1.34 7.85
N ASP B 242 -24.07 -0.43 7.12
CA ASP B 242 -24.81 0.68 6.48
C ASP B 242 -25.41 0.33 5.09
N GLY B 243 -25.37 -0.95 4.72
CA GLY B 243 -25.88 -1.44 3.45
C GLY B 243 -24.90 -1.36 2.27
N ARG B 244 -23.88 -0.52 2.39
CA ARG B 244 -22.89 -0.42 1.32
C ARG B 244 -22.10 -1.71 1.14
N LEU B 245 -21.67 -1.97 -0.09
CA LEU B 245 -20.80 -3.09 -0.40
C LEU B 245 -19.35 -2.57 -0.40
N LEU B 246 -18.41 -3.46 -0.14
CA LEU B 246 -17.00 -3.05 -0.11
C LEU B 246 -16.19 -3.68 -1.23
N LEU B 247 -15.99 -2.92 -2.31
CA LEU B 247 -15.21 -3.39 -3.45
C LEU B 247 -13.71 -3.25 -3.15
N ARG B 248 -12.93 -4.28 -3.49
CA ARG B 248 -11.47 -4.24 -3.29
C ARG B 248 -10.73 -4.00 -4.59
N PHE B 249 -9.61 -3.27 -4.50
CA PHE B 249 -8.77 -2.99 -5.65
CA PHE B 249 -8.77 -2.97 -5.66
C PHE B 249 -7.32 -3.32 -5.32
N PRO B 250 -6.91 -4.59 -5.56
CA PRO B 250 -5.50 -4.93 -5.37
C PRO B 250 -4.67 -4.40 -6.54
N ARG B 251 -3.49 -3.86 -6.21
CA ARG B 251 -2.63 -3.19 -7.17
C ARG B 251 -1.16 -3.37 -6.79
N LEU B 252 -0.31 -3.59 -7.79
CA LEU B 252 1.11 -3.79 -7.57
C LEU B 252 1.88 -2.56 -8.05
N PHE B 253 2.86 -2.14 -7.27
CA PHE B 253 3.61 -0.91 -7.53
C PHE B 253 5.08 -1.27 -7.59
N VAL B 254 5.79 -0.74 -8.60
CA VAL B 254 7.24 -0.96 -8.76
C VAL B 254 7.93 0.37 -9.06
N VAL B 255 8.96 0.72 -8.27
CA VAL B 255 9.75 1.90 -8.50
C VAL B 255 11.23 1.47 -8.53
N ALA B 256 11.94 1.81 -9.61
CA ALA B 256 13.36 1.46 -9.78
C ALA B 256 14.17 2.67 -10.22
N VAL B 257 15.38 2.79 -9.69
CA VAL B 257 16.29 3.89 -10.01
C VAL B 257 17.43 3.27 -10.81
N LYS B 258 17.65 3.82 -12.00
CA LYS B 258 18.66 3.33 -12.93
C LYS B 258 20.08 3.53 -12.39
N LYS B 259 20.89 2.48 -12.43
CA LYS B 259 22.33 2.57 -12.14
C LYS B 259 22.98 3.68 -12.94
N SAH C . 4.82 5.15 17.01
CA SAH C . 6.05 4.32 16.97
CB SAH C . 5.74 2.95 17.58
CG SAH C . 6.73 2.47 18.64
SD SAH C . 6.71 0.67 18.95
C SAH C . 6.54 4.13 15.53
O SAH C . 6.04 4.75 14.58
OXT SAH C . 7.43 3.33 15.28
C5' SAH C . 5.20 0.65 19.93
C4' SAH C . 5.16 1.68 21.06
O4' SAH C . 3.87 1.67 21.61
C3' SAH C . 6.14 1.44 22.22
O3' SAH C . 6.79 2.65 22.54
C2' SAH C . 5.27 1.01 23.38
O2' SAH C . 5.70 1.51 24.63
C1' SAH C . 3.95 1.66 23.04
N9 SAH C . 2.81 0.95 23.63
C8 SAH C . 2.50 -0.37 23.55
N7 SAH C . 1.33 -0.56 24.21
C5 SAH C . 0.91 0.61 24.71
C6 SAH C . -0.19 0.96 25.47
N6 SAH C . -1.10 0.05 25.84
N1 SAH C . -0.36 2.29 25.83
C2 SAH C . 0.57 3.25 25.46
N3 SAH C . 1.68 2.88 24.71
C4 SAH C . 1.83 1.59 24.35
N SAH D . -2.18 6.33 -17.12
CA SAH D . -3.67 6.50 -17.16
CB SAH D . -4.32 5.53 -18.15
CG SAH D . -4.67 4.09 -17.76
SD SAH D . -5.88 3.35 -18.93
C SAH D . -4.29 6.46 -15.76
O SAH D . -3.63 6.63 -14.73
OXT SAH D . -5.50 6.26 -15.62
C5' SAH D . -4.62 2.51 -19.94
C4' SAH D . -4.10 3.41 -21.06
O4' SAH D . -2.95 2.83 -21.62
C3' SAH D . -5.13 3.60 -22.19
O3' SAH D . -5.14 4.96 -22.53
C2' SAH D . -4.59 2.77 -23.32
O2' SAH D . -4.87 3.33 -24.60
C1' SAH D . -3.10 2.76 -23.03
N9 SAH D . -2.41 1.59 -23.60
C8 SAH D . -2.78 0.27 -23.49
N7 SAH D . -1.88 -0.47 -24.18
C5 SAH D . -0.96 0.35 -24.71
C6 SAH D . 0.17 0.11 -25.49
N6 SAH D . 0.49 -1.14 -25.84
N1 SAH D . 0.95 1.17 -25.88
C2 SAH D . 0.62 2.48 -25.53
N3 SAH D . -0.50 2.70 -24.75
C4 SAH D . -1.28 1.65 -24.36
#